data_8W0S
#
_entry.id   8W0S
#
_cell.length_a   1.00
_cell.length_b   1.00
_cell.length_c   1.00
_cell.angle_alpha   90.00
_cell.angle_beta   90.00
_cell.angle_gamma   90.00
#
_symmetry.space_group_name_H-M   'P 1'
#
loop_
_entity.id
_entity.type
_entity.pdbx_description
1 polymer 3-beta-hydroxysteroid-Delta(8),Delta(7)-isomerase
2 non-polymer 1-methyl-8-[(oxan-4-yl)methyl]-3-[4-(trifluoromethyl)phenyl]-1,3,8-triazaspiro[4.5]decane-2,4-dione
#
_entity_poly.entity_id   1
_entity_poly.type   'polypeptide(L)'
_entity_poly.pdbx_seq_one_letter_code
;MWSHPQFEKTTNAGPLHPYWPQHLRLDNFVPNDRPTWHILAGLFSVTGVLVVTTWLLSGRAAVVPLGTWRRLSLCWFAVC
GFIHLVIEGWFVLYYEDLLGDQAFLSQLWKEYAKGDSRYILGDNFTVCMETITACLWGPLSLWVVIAFLRQHPLRFILQL
VVSVGQIYGDVLYFLTEHRDGFQHGELGHPLYFWFYFVFMNALWLVLPGVLVLDAVKHLTHAQSTLDAKATKAKSKKN
;
_entity_poly.pdbx_strand_id   A,B
#
# COMPACT_ATOMS: atom_id res chain seq x y z
N PRO A 15 -18.03 -26.59 -13.86
CA PRO A 15 -18.84 -27.10 -14.98
C PRO A 15 -18.09 -26.99 -16.32
N LEU A 16 -18.18 -25.84 -16.99
CA LEU A 16 -17.33 -25.58 -18.14
C LEU A 16 -15.93 -25.14 -17.73
N HIS A 17 -15.75 -24.75 -16.47
CA HIS A 17 -14.51 -24.16 -15.98
C HIS A 17 -14.26 -24.66 -14.57
N PRO A 18 -13.02 -24.55 -14.08
CA PRO A 18 -12.71 -25.01 -12.72
C PRO A 18 -12.73 -23.94 -11.63
N TYR A 19 -13.01 -22.69 -11.95
CA TYR A 19 -12.81 -21.62 -10.98
C TYR A 19 -13.99 -21.48 -10.03
N TRP A 20 -13.83 -20.62 -9.04
CA TRP A 20 -14.80 -20.41 -7.97
C TRP A 20 -15.19 -18.94 -7.87
N PRO A 21 -16.40 -18.63 -7.40
CA PRO A 21 -17.49 -19.55 -7.03
C PRO A 21 -18.11 -20.22 -8.25
N GLN A 22 -18.65 -21.42 -8.07
CA GLN A 22 -18.97 -22.28 -9.20
C GLN A 22 -20.06 -21.71 -10.10
N HIS A 23 -20.84 -20.73 -9.62
CA HIS A 23 -21.95 -20.22 -10.41
C HIS A 23 -21.51 -19.20 -11.45
N LEU A 24 -20.25 -18.81 -11.49
CA LEU A 24 -19.80 -17.80 -12.44
C LEU A 24 -19.99 -18.28 -13.87
N ARG A 25 -20.48 -17.38 -14.73
CA ARG A 25 -20.70 -17.68 -16.14
C ARG A 25 -19.52 -17.16 -16.97
N LEU A 26 -18.40 -17.88 -16.84
CA LEU A 26 -17.14 -17.50 -17.47
C LEU A 26 -17.06 -18.03 -18.90
N ASP A 27 -17.95 -17.52 -19.75
CA ASP A 27 -17.88 -17.86 -21.16
C ASP A 27 -16.65 -17.24 -21.81
N ASN A 28 -16.32 -17.72 -23.00
CA ASN A 28 -15.09 -17.42 -23.71
C ASN A 28 -13.87 -18.06 -23.04
N PHE A 29 -14.09 -19.03 -22.16
CA PHE A 29 -12.98 -19.75 -21.53
C PHE A 29 -12.60 -20.97 -22.36
N VAL A 30 -11.30 -21.14 -22.58
CA VAL A 30 -10.76 -22.32 -23.26
C VAL A 30 -9.70 -22.92 -22.33
N PRO A 31 -9.75 -24.21 -22.01
CA PRO A 31 -8.77 -24.76 -21.06
C PRO A 31 -7.36 -24.68 -21.62
N ASN A 32 -6.40 -24.86 -20.71
CA ASN A 32 -4.98 -24.75 -21.07
C ASN A 32 -4.62 -25.74 -22.16
N ASP A 33 -3.87 -25.27 -23.15
CA ASP A 33 -3.50 -26.12 -24.29
C ASP A 33 -2.31 -27.02 -23.97
N ARG A 34 -1.33 -26.51 -23.23
CA ARG A 34 -0.18 -27.30 -22.80
C ARG A 34 -0.51 -28.06 -21.52
N PRO A 35 0.24 -29.12 -21.21
CA PRO A 35 0.21 -29.66 -19.84
C PRO A 35 0.77 -28.66 -18.84
N THR A 36 0.29 -28.76 -17.61
CA THR A 36 0.68 -27.82 -16.58
C THR A 36 2.16 -27.89 -16.25
N TRP A 37 2.79 -29.05 -16.47
CA TRP A 37 4.17 -29.22 -16.02
C TRP A 37 5.17 -28.49 -16.92
N HIS A 38 4.84 -28.28 -18.20
CA HIS A 38 5.69 -27.43 -19.03
C HIS A 38 5.83 -26.04 -18.44
N ILE A 39 4.72 -25.49 -17.96
CA ILE A 39 4.73 -24.14 -17.41
C ILE A 39 5.57 -24.08 -16.14
N LEU A 40 5.33 -25.01 -15.22
CA LEU A 40 6.05 -24.99 -13.94
C LEU A 40 7.51 -25.37 -14.12
N ALA A 41 7.79 -26.31 -15.02
CA ALA A 41 9.18 -26.63 -15.34
C ALA A 41 9.87 -25.46 -16.01
N GLY A 42 9.18 -24.80 -16.94
CA GLY A 42 9.78 -23.66 -17.63
C GLY A 42 10.06 -22.50 -16.70
N LEU A 43 9.12 -22.17 -15.82
CA LEU A 43 9.32 -21.08 -14.88
C LEU A 43 10.48 -21.38 -13.93
N PHE A 44 10.61 -22.64 -13.51
CA PHE A 44 11.66 -23.02 -12.57
C PHE A 44 13.03 -22.79 -13.18
N SER A 45 13.17 -23.02 -14.49
CA SER A 45 14.46 -22.87 -15.16
C SER A 45 14.92 -21.42 -15.15
N VAL A 46 14.04 -20.49 -15.59
CA VAL A 46 14.44 -19.09 -15.69
C VAL A 46 14.74 -18.51 -14.32
N THR A 47 13.98 -18.90 -13.31
CA THR A 47 14.33 -18.55 -11.94
C THR A 47 15.68 -19.15 -11.55
N GLY A 48 15.92 -20.40 -11.95
CA GLY A 48 17.19 -21.02 -11.64
C GLY A 48 18.36 -20.32 -12.31
N VAL A 49 18.21 -19.98 -13.59
CA VAL A 49 19.29 -19.29 -14.31
C VAL A 49 19.58 -17.95 -13.65
N LEU A 50 18.54 -17.25 -13.20
CA LEU A 50 18.71 -15.93 -12.62
C LEU A 50 19.43 -16.00 -11.27
N VAL A 51 19.05 -16.95 -10.43
CA VAL A 51 19.63 -17.03 -9.09
C VAL A 51 21.11 -17.38 -9.17
N VAL A 52 21.47 -18.28 -10.09
CA VAL A 52 22.87 -18.70 -10.20
C VAL A 52 23.71 -17.59 -10.80
N THR A 53 23.18 -16.90 -11.81
CA THR A 53 23.96 -15.84 -12.44
C THR A 53 24.07 -14.61 -11.53
N THR A 54 23.05 -14.36 -10.71
CA THR A 54 23.18 -13.34 -9.68
C THR A 54 24.31 -13.69 -8.72
N TRP A 55 24.48 -14.98 -8.43
CA TRP A 55 25.60 -15.40 -7.60
C TRP A 55 26.93 -15.10 -8.29
N LEU A 56 27.01 -15.37 -9.60
CA LEU A 56 28.22 -15.05 -10.35
C LEU A 56 28.44 -13.55 -10.43
N LEU A 57 27.40 -12.80 -10.77
CA LEU A 57 27.56 -11.36 -10.94
C LEU A 57 27.92 -10.69 -9.62
N SER A 58 27.40 -11.22 -8.51
CA SER A 58 27.74 -10.66 -7.20
C SER A 58 29.21 -10.84 -6.87
N GLY A 59 29.77 -12.01 -7.17
CA GLY A 59 31.16 -12.26 -6.81
C GLY A 59 32.14 -11.42 -7.62
N ARG A 60 31.87 -11.24 -8.91
CA ARG A 60 32.82 -10.59 -9.79
C ARG A 60 32.73 -9.07 -9.70
N ALA A 61 31.53 -8.52 -9.88
CA ALA A 61 31.35 -7.10 -10.15
C ALA A 61 31.13 -6.26 -8.89
N ALA A 62 31.27 -6.84 -7.71
CA ALA A 62 31.10 -6.07 -6.48
C ALA A 62 32.36 -5.27 -6.17
N VAL A 63 32.15 -4.04 -5.67
CA VAL A 63 33.27 -3.18 -5.29
C VAL A 63 33.96 -3.67 -4.02
N VAL A 64 33.24 -4.34 -3.14
CA VAL A 64 33.82 -4.90 -1.91
C VAL A 64 33.36 -6.35 -1.76
N PRO A 65 34.08 -7.15 -0.97
CA PRO A 65 33.63 -8.54 -0.75
C PRO A 65 32.34 -8.59 0.04
N LEU A 66 31.24 -8.96 -0.63
CA LEU A 66 29.96 -9.09 0.04
C LEU A 66 29.92 -10.36 0.86
N GLY A 67 29.18 -10.32 1.96
CA GLY A 67 28.93 -11.51 2.75
C GLY A 67 27.99 -12.46 2.04
N THR A 68 27.99 -13.72 2.48
CA THR A 68 27.20 -14.73 1.80
C THR A 68 25.72 -14.39 1.84
N TRP A 69 25.21 -13.98 3.00
CA TRP A 69 23.80 -13.63 3.11
C TRP A 69 23.48 -12.37 2.32
N ARG A 70 24.48 -11.52 2.08
CA ARG A 70 24.26 -10.32 1.26
C ARG A 70 24.11 -10.66 -0.22
N ARG A 71 24.92 -11.60 -0.72
CA ARG A 71 24.78 -12.04 -2.10
C ARG A 71 23.45 -12.74 -2.32
N LEU A 72 23.04 -13.57 -1.37
CA LEU A 72 21.71 -14.18 -1.45
C LEU A 72 20.62 -13.11 -1.46
N SER A 73 20.82 -12.03 -0.71
CA SER A 73 19.84 -10.95 -0.70
C SER A 73 19.71 -10.31 -2.08
N LEU A 74 20.83 -10.16 -2.80
CA LEU A 74 20.75 -9.65 -4.16
C LEU A 74 20.05 -10.64 -5.08
N CYS A 75 20.17 -11.95 -4.81
CA CYS A 75 19.44 -12.93 -5.60
C CYS A 75 17.94 -12.75 -5.42
N TRP A 76 17.49 -12.49 -4.19
CA TRP A 76 16.07 -12.28 -3.94
C TRP A 76 15.56 -11.07 -4.69
N PHE A 77 16.32 -9.97 -4.66
CA PHE A 77 15.88 -8.76 -5.35
C PHE A 77 15.90 -8.93 -6.86
N ALA A 78 16.88 -9.68 -7.38
CA ALA A 78 16.90 -9.96 -8.82
C ALA A 78 15.72 -10.80 -9.23
N VAL A 79 15.36 -11.80 -8.42
CA VAL A 79 14.19 -12.62 -8.71
C VAL A 79 12.93 -11.76 -8.69
N CYS A 80 12.77 -10.95 -7.66
CA CYS A 80 11.58 -10.11 -7.53
C CYS A 80 11.46 -9.15 -8.72
N GLY A 81 12.59 -8.58 -9.15
CA GLY A 81 12.53 -7.66 -10.27
C GLY A 81 11.98 -8.30 -11.53
N PHE A 82 12.42 -9.51 -11.83
CA PHE A 82 11.93 -10.22 -13.00
C PHE A 82 10.45 -10.59 -12.87
N ILE A 83 10.04 -11.06 -11.69
CA ILE A 83 8.65 -11.48 -11.51
C ILE A 83 7.70 -10.30 -11.67
N HIS A 84 8.00 -9.19 -11.01
CA HIS A 84 7.14 -8.01 -11.13
C HIS A 84 7.12 -7.49 -12.56
N LEU A 85 8.30 -7.34 -13.18
CA LEU A 85 8.38 -6.70 -14.48
C LEU A 85 7.74 -7.55 -15.58
N VAL A 86 7.99 -8.85 -15.59
CA VAL A 86 7.67 -9.70 -16.73
C VAL A 86 6.40 -10.51 -16.49
N ILE A 87 6.29 -11.16 -15.34
CA ILE A 87 5.13 -12.01 -15.08
C ILE A 87 3.91 -11.16 -14.74
N GLU A 88 4.03 -10.28 -13.74
CA GLU A 88 2.91 -9.44 -13.35
C GLU A 88 2.67 -8.30 -14.32
N GLY A 89 3.70 -7.90 -15.08
CA GLY A 89 3.47 -6.94 -16.15
C GLY A 89 2.53 -7.48 -17.21
N TRP A 90 2.65 -8.77 -17.51
CA TRP A 90 1.78 -9.40 -18.51
C TRP A 90 0.32 -9.30 -18.09
N PHE A 91 0.03 -9.56 -16.82
CA PHE A 91 -1.35 -9.45 -16.34
C PHE A 91 -1.89 -8.04 -16.51
N VAL A 92 -1.11 -7.04 -16.11
CA VAL A 92 -1.59 -5.67 -16.15
C VAL A 92 -1.92 -5.24 -17.57
N LEU A 93 -1.23 -5.80 -18.56
CA LEU A 93 -1.50 -5.45 -19.95
C LEU A 93 -2.69 -6.22 -20.51
N TYR A 94 -2.79 -7.52 -20.21
CA TYR A 94 -3.66 -8.42 -20.94
C TYR A 94 -4.71 -9.11 -20.08
N TYR A 95 -5.07 -8.54 -18.92
CA TYR A 95 -6.12 -9.15 -18.12
C TYR A 95 -7.48 -9.09 -18.82
N GLU A 96 -7.64 -8.20 -19.80
CA GLU A 96 -8.90 -8.11 -20.52
C GLU A 96 -9.19 -9.38 -21.31
N ASP A 97 -8.17 -9.99 -21.91
CA ASP A 97 -8.34 -11.19 -22.72
C ASP A 97 -7.41 -12.29 -22.23
N LEU A 98 -7.35 -12.46 -20.90
CA LEU A 98 -6.53 -13.52 -20.34
C LEU A 98 -7.20 -14.88 -20.54
N LEU A 99 -8.52 -14.93 -20.46
CA LEU A 99 -9.25 -16.17 -20.70
C LEU A 99 -9.27 -16.48 -22.19
N GLY A 100 -8.95 -17.72 -22.54
CA GLY A 100 -8.96 -18.15 -23.93
C GLY A 100 -7.70 -17.85 -24.71
N ASP A 101 -6.68 -17.27 -24.07
CA ASP A 101 -5.42 -16.97 -24.73
C ASP A 101 -4.45 -18.14 -24.59
N GLN A 102 -3.49 -18.21 -25.51
CA GLN A 102 -2.60 -19.36 -25.63
C GLN A 102 -1.15 -19.04 -25.30
N ALA A 103 -0.79 -17.78 -25.10
CA ALA A 103 0.59 -17.43 -24.81
C ALA A 103 1.06 -18.12 -23.52
N PHE A 104 2.37 -18.25 -23.38
CA PHE A 104 2.92 -18.99 -22.25
C PHE A 104 2.49 -18.36 -20.92
N LEU A 105 2.62 -17.04 -20.79
CA LEU A 105 2.31 -16.40 -19.53
C LEU A 105 0.81 -16.40 -19.25
N SER A 106 -0.01 -16.43 -20.30
CA SER A 106 -1.45 -16.52 -20.10
C SER A 106 -1.85 -17.85 -19.47
N GLN A 107 -1.17 -18.93 -19.83
CA GLN A 107 -1.46 -20.23 -19.25
C GLN A 107 -0.93 -20.34 -17.83
N LEU A 108 0.09 -19.55 -17.49
CA LEU A 108 0.54 -19.47 -16.10
C LEU A 108 -0.54 -18.84 -15.22
N TRP A 109 -1.14 -17.75 -15.70
CA TRP A 109 -2.13 -17.05 -14.89
C TRP A 109 -3.44 -17.83 -14.82
N LYS A 110 -3.82 -18.49 -15.91
CA LYS A 110 -4.98 -19.37 -15.86
C LYS A 110 -4.79 -20.48 -14.84
N GLU A 111 -3.55 -20.98 -14.71
CA GLU A 111 -3.26 -21.99 -13.69
C GLU A 111 -3.24 -21.36 -12.30
N TYR A 112 -2.58 -20.21 -12.15
CA TYR A 112 -2.47 -19.60 -10.83
C TYR A 112 -3.84 -19.15 -10.33
N ALA A 113 -4.68 -18.62 -11.22
CA ALA A 113 -5.97 -18.06 -10.85
C ALA A 113 -6.96 -19.10 -10.33
N LYS A 114 -6.58 -20.38 -10.26
CA LYS A 114 -7.44 -21.36 -9.61
C LYS A 114 -7.40 -21.24 -8.09
N GLY A 115 -6.38 -20.58 -7.55
CA GLY A 115 -6.30 -20.28 -6.14
C GLY A 115 -6.94 -18.94 -5.80
N ASP A 116 -7.18 -18.11 -6.82
CA ASP A 116 -7.86 -16.83 -6.63
C ASP A 116 -8.41 -16.42 -8.00
N SER A 117 -9.73 -16.56 -8.16
CA SER A 117 -10.36 -16.27 -9.45
C SER A 117 -10.38 -14.77 -9.77
N ARG A 118 -9.98 -13.90 -8.84
CA ARG A 118 -9.98 -12.47 -9.12
C ARG A 118 -9.05 -12.13 -10.28
N TYR A 119 -8.08 -12.98 -10.58
CA TYR A 119 -7.12 -12.67 -11.63
C TYR A 119 -7.68 -12.91 -13.03
N ILE A 120 -8.73 -13.71 -13.15
CA ILE A 120 -9.41 -13.85 -14.44
C ILE A 120 -10.56 -12.86 -14.58
N LEU A 121 -11.17 -12.45 -13.46
CA LEU A 121 -12.29 -11.53 -13.49
C LEU A 121 -11.86 -10.08 -13.69
N GLY A 122 -10.57 -9.79 -13.67
CA GLY A 122 -10.13 -8.42 -13.78
C GLY A 122 -10.57 -7.56 -12.62
N ASP A 123 -10.40 -8.03 -11.40
CA ASP A 123 -10.90 -7.33 -10.23
C ASP A 123 -10.27 -5.94 -10.13
N ASN A 124 -11.07 -4.97 -9.70
CA ASN A 124 -10.63 -3.58 -9.67
C ASN A 124 -9.41 -3.41 -8.76
N PHE A 125 -9.47 -3.97 -7.55
CA PHE A 125 -8.33 -3.85 -6.64
C PHE A 125 -7.11 -4.55 -7.20
N THR A 126 -7.28 -5.77 -7.71
CA THR A 126 -6.15 -6.57 -8.15
C THR A 126 -5.42 -5.91 -9.31
N VAL A 127 -6.16 -5.37 -10.27
CA VAL A 127 -5.53 -4.72 -11.42
C VAL A 127 -4.75 -3.50 -10.97
N CYS A 128 -5.31 -2.70 -10.07
CA CYS A 128 -4.63 -1.49 -9.62
C CYS A 128 -3.43 -1.82 -8.74
N MET A 129 -3.55 -2.83 -7.87
CA MET A 129 -2.41 -3.22 -7.06
C MET A 129 -1.29 -3.78 -7.95
N GLU A 130 -1.65 -4.61 -8.93
CA GLU A 130 -0.63 -5.18 -9.80
C GLU A 130 0.01 -4.12 -10.69
N THR A 131 -0.75 -3.09 -11.07
CA THR A 131 -0.17 -2.02 -11.89
C THR A 131 0.96 -1.33 -11.16
N ILE A 132 0.75 -1.01 -9.88
CA ILE A 132 1.81 -0.38 -9.09
C ILE A 132 2.95 -1.37 -8.85
N THR A 133 2.61 -2.65 -8.66
CA THR A 133 3.64 -3.65 -8.40
C THR A 133 4.60 -3.77 -9.59
N ALA A 134 4.06 -3.74 -10.80
CA ALA A 134 4.90 -3.90 -11.98
C ALA A 134 5.68 -2.63 -12.31
N CYS A 135 5.07 -1.46 -12.15
CA CYS A 135 5.70 -0.22 -12.63
C CYS A 135 6.80 0.25 -11.70
N LEU A 136 6.56 0.24 -10.38
CA LEU A 136 7.53 0.74 -9.41
C LEU A 136 8.41 -0.36 -8.84
N TRP A 137 7.80 -1.37 -8.23
CA TRP A 137 8.55 -2.28 -7.39
C TRP A 137 9.41 -3.24 -8.19
N GLY A 138 9.24 -3.28 -9.51
CA GLY A 138 10.13 -4.03 -10.38
C GLY A 138 11.43 -3.29 -10.64
N PRO A 139 11.33 -2.09 -11.23
CA PRO A 139 12.54 -1.30 -11.46
C PRO A 139 13.31 -0.95 -10.20
N LEU A 140 12.64 -0.72 -9.08
CA LEU A 140 13.35 -0.43 -7.84
C LEU A 140 14.13 -1.65 -7.36
N SER A 141 13.61 -2.85 -7.60
CA SER A 141 14.31 -4.07 -7.20
C SER A 141 15.64 -4.18 -7.92
N LEU A 142 15.68 -3.83 -9.20
CA LEU A 142 16.94 -3.84 -9.93
C LEU A 142 17.89 -2.77 -9.39
N TRP A 143 17.36 -1.63 -8.96
CA TRP A 143 18.23 -0.58 -8.45
C TRP A 143 18.83 -0.96 -7.09
N VAL A 144 18.13 -1.79 -6.31
CA VAL A 144 18.73 -2.30 -5.08
C VAL A 144 19.92 -3.19 -5.41
N VAL A 145 19.79 -4.03 -6.43
CA VAL A 145 20.87 -4.94 -6.79
C VAL A 145 22.08 -4.15 -7.28
N ILE A 146 21.86 -3.17 -8.15
CA ILE A 146 22.96 -2.37 -8.65
C ILE A 146 23.61 -1.58 -7.52
N ALA A 147 22.80 -1.04 -6.62
CA ALA A 147 23.32 -0.17 -5.57
C ALA A 147 24.26 -0.92 -4.64
N PHE A 148 23.91 -2.15 -4.27
CA PHE A 148 24.74 -2.89 -3.33
C PHE A 148 26.08 -3.29 -3.93
N LEU A 149 26.11 -3.58 -5.23
CA LEU A 149 27.39 -3.92 -5.87
C LEU A 149 28.35 -2.75 -5.81
N ARG A 150 27.85 -1.53 -6.03
CA ARG A 150 28.67 -0.33 -6.05
C ARG A 150 28.78 0.36 -4.69
N GLN A 151 28.10 -0.17 -3.68
CA GLN A 151 28.12 0.42 -2.33
C GLN A 151 27.69 1.88 -2.37
N HIS A 152 26.56 2.12 -3.03
CA HIS A 152 26.01 3.46 -3.08
C HIS A 152 25.28 3.78 -1.77
N PRO A 153 25.29 5.04 -1.31
CA PRO A 153 24.64 5.34 -0.01
C PRO A 153 23.15 5.08 0.03
N LEU A 154 22.47 5.00 -1.13
CA LEU A 154 21.05 4.74 -1.15
C LEU A 154 20.70 3.26 -0.96
N ARG A 155 21.69 2.37 -0.86
CA ARG A 155 21.43 0.95 -1.01
C ARG A 155 20.52 0.41 0.10
N PHE A 156 20.75 0.80 1.34
CA PHE A 156 19.87 0.35 2.42
C PHE A 156 18.54 1.09 2.44
N ILE A 157 18.52 2.33 1.95
CA ILE A 157 17.27 3.09 1.91
C ILE A 157 16.33 2.49 0.88
N LEU A 158 16.86 2.07 -0.27
CA LEU A 158 16.03 1.41 -1.27
C LEU A 158 15.55 0.04 -0.78
N GLN A 159 16.41 -0.69 -0.08
CA GLN A 159 15.99 -1.98 0.49
C GLN A 159 14.82 -1.78 1.45
N LEU A 160 14.87 -0.73 2.27
CA LEU A 160 13.74 -0.41 3.13
C LEU A 160 12.52 0.01 2.33
N VAL A 161 12.72 0.90 1.36
CA VAL A 161 11.58 1.41 0.58
C VAL A 161 10.93 0.28 -0.18
N VAL A 162 11.73 -0.55 -0.85
CA VAL A 162 11.19 -1.65 -1.66
C VAL A 162 10.43 -2.63 -0.77
N SER A 163 11.00 -2.98 0.39
CA SER A 163 10.43 -4.02 1.22
C SER A 163 9.14 -3.57 1.89
N VAL A 164 9.02 -2.29 2.21
CA VAL A 164 7.88 -1.82 2.99
C VAL A 164 6.58 -1.97 2.21
N GLY A 165 6.57 -1.53 0.95
CA GLY A 165 5.32 -1.54 0.21
C GLY A 165 4.94 -2.90 -0.33
N GLN A 166 5.91 -3.80 -0.50
CA GLN A 166 5.56 -5.17 -0.82
C GLN A 166 4.75 -5.79 0.31
N ILE A 167 5.15 -5.53 1.55
CA ILE A 167 4.38 -5.99 2.70
C ILE A 167 3.02 -5.30 2.73
N TYR A 168 2.98 -4.02 2.38
CA TYR A 168 1.72 -3.30 2.36
C TYR A 168 0.78 -3.87 1.30
N GLY A 169 1.30 -4.12 0.10
CA GLY A 169 0.49 -4.73 -0.92
C GLY A 169 0.04 -6.14 -0.56
N ASP A 170 0.91 -6.89 0.12
CA ASP A 170 0.57 -8.26 0.48
C ASP A 170 -0.48 -8.29 1.59
N VAL A 171 -0.37 -7.40 2.57
CA VAL A 171 -1.37 -7.37 3.64
C VAL A 171 -2.73 -6.99 3.10
N LEU A 172 -2.77 -6.02 2.18
CA LEU A 172 -4.04 -5.65 1.55
C LEU A 172 -4.60 -6.82 0.74
N TYR A 173 -3.72 -7.58 0.09
CA TYR A 173 -4.17 -8.72 -0.71
C TYR A 173 -4.88 -9.75 0.16
N PHE A 174 -4.32 -10.04 1.32
CA PHE A 174 -4.87 -11.09 2.17
C PHE A 174 -6.13 -10.63 2.90
N LEU A 175 -6.16 -9.36 3.31
CA LEU A 175 -7.32 -8.86 4.03
C LEU A 175 -8.55 -8.78 3.13
N THR A 176 -8.39 -8.22 1.93
CA THR A 176 -9.53 -8.07 1.04
C THR A 176 -10.16 -9.41 0.69
N GLU A 177 -9.34 -10.45 0.53
CA GLU A 177 -9.88 -11.78 0.31
C GLU A 177 -10.60 -12.30 1.54
N HIS A 178 -10.04 -12.08 2.73
CA HIS A 178 -10.69 -12.52 3.96
C HIS A 178 -12.03 -11.82 4.14
N ARG A 179 -12.12 -10.55 3.76
CA ARG A 179 -13.37 -9.82 3.91
C ARG A 179 -14.46 -10.43 3.03
N ASP A 180 -14.12 -10.80 1.78
CA ASP A 180 -15.08 -11.48 0.92
C ASP A 180 -15.43 -12.87 1.43
N GLY A 181 -14.63 -13.44 2.32
CA GLY A 181 -14.90 -14.78 2.81
C GLY A 181 -14.31 -15.89 1.98
N PHE A 182 -13.19 -15.63 1.28
CA PHE A 182 -12.48 -16.64 0.52
C PHE A 182 -13.37 -17.32 -0.52
N GLN A 183 -14.25 -16.55 -1.17
CA GLN A 183 -15.15 -17.15 -2.15
C GLN A 183 -14.46 -17.45 -3.48
N HIS A 184 -13.32 -16.82 -3.75
CA HIS A 184 -12.64 -16.97 -5.02
C HIS A 184 -11.70 -18.18 -5.07
N GLY A 185 -11.87 -19.16 -4.18
CA GLY A 185 -11.04 -20.35 -4.19
C GLY A 185 -11.40 -21.29 -3.07
N GLU A 186 -11.48 -22.59 -3.37
CA GLU A 186 -11.93 -23.57 -2.39
C GLU A 186 -11.00 -23.58 -1.18
N LEU A 187 -11.59 -23.54 0.01
CA LEU A 187 -10.82 -23.50 1.24
C LEU A 187 -10.14 -24.84 1.49
N GLY A 188 -8.97 -24.78 2.12
CA GLY A 188 -8.32 -25.97 2.60
C GLY A 188 -7.78 -26.90 1.53
N HIS A 189 -7.85 -26.52 0.26
CA HIS A 189 -7.33 -27.39 -0.80
C HIS A 189 -5.81 -27.46 -0.66
N PRO A 190 -5.18 -28.63 -0.79
CA PRO A 190 -3.71 -28.67 -0.64
C PRO A 190 -2.96 -27.83 -1.65
N LEU A 191 -3.29 -27.94 -2.93
CA LEU A 191 -2.52 -27.23 -3.96
C LEU A 191 -3.03 -25.82 -4.17
N TYR A 192 -4.31 -25.67 -4.52
CA TYR A 192 -4.80 -24.37 -4.98
C TYR A 192 -4.86 -23.37 -3.83
N PHE A 193 -5.20 -23.82 -2.62
CA PHE A 193 -5.28 -22.89 -1.49
C PHE A 193 -3.95 -22.75 -0.76
N TRP A 194 -3.44 -23.84 -0.18
CA TRP A 194 -2.34 -23.70 0.75
C TRP A 194 -1.02 -23.42 0.04
N PHE A 195 -0.88 -23.85 -1.21
CA PHE A 195 0.35 -23.57 -1.94
C PHE A 195 0.25 -22.26 -2.73
N TYR A 196 -0.74 -22.16 -3.63
CA TYR A 196 -0.82 -20.98 -4.48
C TYR A 196 -1.19 -19.73 -3.68
N PHE A 197 -2.19 -19.84 -2.81
CA PHE A 197 -2.72 -18.65 -2.14
C PHE A 197 -1.95 -18.32 -0.87
N VAL A 198 -1.69 -19.32 -0.02
CA VAL A 198 -1.07 -19.04 1.28
C VAL A 198 0.43 -18.92 1.14
N PHE A 199 1.08 -19.93 0.54
CA PHE A 199 2.54 -20.00 0.63
C PHE A 199 3.20 -18.89 -0.19
N MET A 200 3.07 -18.95 -1.52
CA MET A 200 3.87 -18.06 -2.36
C MET A 200 3.47 -16.60 -2.21
N ASN A 201 2.27 -16.32 -1.72
CA ASN A 201 1.96 -14.94 -1.34
C ASN A 201 2.61 -14.59 -0.01
N ALA A 202 2.72 -15.56 0.90
CA ALA A 202 3.35 -15.31 2.19
C ALA A 202 4.86 -15.13 2.08
N LEU A 203 5.47 -15.49 0.96
CA LEU A 203 6.89 -15.23 0.78
C LEU A 203 7.19 -13.74 0.80
N TRP A 204 6.37 -12.95 0.12
CA TRP A 204 6.50 -11.51 0.16
C TRP A 204 6.00 -10.91 1.46
N LEU A 205 5.42 -11.71 2.35
CA LEU A 205 5.00 -11.21 3.65
C LEU A 205 6.10 -11.40 4.68
N VAL A 206 6.75 -12.56 4.69
CA VAL A 206 7.70 -12.90 5.74
C VAL A 206 9.10 -12.37 5.42
N LEU A 207 9.85 -12.71 4.07
CA LEU A 207 11.25 -12.35 3.80
C LEU A 207 11.45 -10.84 3.74
N PRO A 208 10.48 -10.33 3.13
CA PRO A 208 10.63 -8.86 3.13
C PRO A 208 10.61 -8.27 4.53
N GLY A 209 9.85 -8.86 5.45
CA GLY A 209 9.89 -8.41 6.83
C GLY A 209 11.25 -8.58 7.47
N VAL A 210 11.98 -9.64 7.09
CA VAL A 210 13.33 -9.81 7.59
C VAL A 210 14.27 -8.77 7.01
N LEU A 211 14.02 -8.37 5.75
CA LEU A 211 14.87 -7.35 5.12
C LEU A 211 14.58 -5.96 5.66
N VAL A 212 13.36 -5.71 6.14
CA VAL A 212 13.08 -4.44 6.79
C VAL A 212 13.90 -4.31 8.07
N LEU A 213 13.93 -5.36 8.88
CA LEU A 213 14.70 -5.32 10.13
C LEU A 213 16.18 -5.14 9.84
N ASP A 214 16.67 -5.68 8.72
CA ASP A 214 18.07 -5.52 8.37
C ASP A 214 18.39 -4.08 8.00
N ALA A 215 17.57 -3.48 7.12
CA ALA A 215 17.82 -2.11 6.68
C ALA A 215 17.71 -1.13 7.84
N VAL A 216 16.77 -1.36 8.75
CA VAL A 216 16.65 -0.52 9.94
C VAL A 216 17.91 -0.62 10.79
N LYS A 217 18.45 -1.82 10.93
CA LYS A 217 19.61 -2.03 11.79
C LYS A 217 20.81 -1.24 11.30
N HIS A 218 21.04 -1.26 9.98
CA HIS A 218 22.21 -0.57 9.43
C HIS A 218 22.00 0.94 9.38
N LEU A 219 20.76 1.38 9.15
CA LEU A 219 20.49 2.82 9.09
C LEU A 219 20.45 3.44 10.47
N THR A 220 19.97 2.71 11.48
CA THR A 220 20.02 3.21 12.85
C THR A 220 21.46 3.45 13.27
N HIS A 221 22.36 2.54 12.90
CA HIS A 221 23.77 2.74 13.20
C HIS A 221 24.34 3.91 12.40
N ALA A 222 23.88 4.09 11.16
CA ALA A 222 24.37 5.20 10.35
C ALA A 222 23.99 6.54 10.98
N GLN A 223 22.77 6.65 11.50
CA GLN A 223 22.35 7.90 12.12
C GLN A 223 23.06 8.11 13.46
N SER A 224 23.36 7.03 14.17
CA SER A 224 24.03 7.15 15.46
C SER A 224 25.47 7.63 15.31
N THR A 225 26.15 7.24 14.23
CA THR A 225 27.54 7.67 14.04
C THR A 225 27.62 9.13 13.63
N LEU A 226 26.61 9.63 12.93
CA LEU A 226 26.60 11.03 12.50
C LEU A 226 26.43 11.99 13.68
N ASP A 227 26.03 11.50 14.84
CA ASP A 227 25.90 12.34 16.03
C ASP A 227 27.23 12.43 16.76
N PRO B 15 -32.83 11.19 -4.51
CA PRO B 15 -34.25 11.04 -4.20
C PRO B 15 -34.52 11.07 -2.70
N LEU B 16 -34.42 9.93 -2.01
CA LEU B 16 -34.44 9.93 -0.56
C LEU B 16 -33.08 10.32 0.02
N HIS B 17 -32.03 10.30 -0.77
CA HIS B 17 -30.66 10.50 -0.32
C HIS B 17 -29.91 11.30 -1.37
N PRO B 18 -28.77 11.91 -1.00
CA PRO B 18 -27.99 12.69 -1.96
C PRO B 18 -26.84 11.96 -2.64
N TYR B 19 -26.58 10.69 -2.32
CA TYR B 19 -25.35 10.06 -2.77
C TYR B 19 -25.48 9.52 -4.19
N TRP B 20 -24.36 9.03 -4.71
CA TRP B 20 -24.22 8.61 -6.09
C TRP B 20 -23.71 7.16 -6.17
N PRO B 21 -24.06 6.40 -7.22
CA PRO B 21 -24.99 6.75 -8.31
C PRO B 21 -26.44 6.79 -7.82
N GLN B 22 -27.27 7.57 -8.50
CA GLN B 22 -28.58 7.92 -7.94
C GLN B 22 -29.50 6.72 -7.78
N HIS B 23 -29.24 5.60 -8.47
CA HIS B 23 -30.13 4.46 -8.41
C HIS B 23 -29.98 3.63 -7.15
N LEU B 24 -28.99 3.92 -6.30
CA LEU B 24 -28.77 3.12 -5.11
C LEU B 24 -29.98 3.17 -4.19
N ARG B 25 -30.36 2.02 -3.65
CA ARG B 25 -31.49 1.90 -2.73
C ARG B 25 -30.97 1.91 -1.29
N LEU B 26 -30.54 3.10 -0.86
CA LEU B 26 -29.93 3.29 0.45
C LEU B 26 -31.00 3.54 1.52
N ASP B 27 -31.82 2.51 1.77
CA ASP B 27 -32.77 2.59 2.85
C ASP B 27 -32.04 2.63 4.19
N ASN B 28 -32.79 2.92 5.25
CA ASN B 28 -32.28 3.11 6.61
C ASN B 28 -31.47 4.42 6.74
N PHE B 29 -31.38 5.21 5.68
CA PHE B 29 -30.68 6.49 5.74
C PHE B 29 -31.56 7.55 6.38
N VAL B 30 -30.95 8.34 7.26
CA VAL B 30 -31.62 9.47 7.91
C VAL B 30 -30.71 10.68 7.72
N PRO B 31 -31.20 11.82 7.23
CA PRO B 31 -30.30 12.95 6.99
C PRO B 31 -29.70 13.50 8.27
N ASN B 32 -28.65 14.29 8.11
CA ASN B 32 -27.90 14.83 9.25
C ASN B 32 -28.81 15.68 10.13
N ASP B 33 -28.75 15.44 11.44
CA ASP B 33 -29.57 16.18 12.39
C ASP B 33 -29.05 17.61 12.58
N ARG B 34 -27.73 17.76 12.73
CA ARG B 34 -27.12 19.06 12.93
C ARG B 34 -26.93 19.79 11.58
N PRO B 35 -26.77 21.11 11.60
CA PRO B 35 -26.25 21.80 10.41
C PRO B 35 -24.83 21.38 10.11
N THR B 36 -24.45 21.48 8.83
CA THR B 36 -23.13 21.04 8.41
C THR B 36 -22.02 21.90 8.97
N TRP B 37 -22.33 23.13 9.43
CA TRP B 37 -21.27 24.03 9.85
C TRP B 37 -20.81 23.76 11.29
N HIS B 38 -21.66 23.17 12.13
CA HIS B 38 -21.19 22.71 13.44
C HIS B 38 -20.06 21.71 13.30
N ILE B 39 -20.23 20.77 12.36
CA ILE B 39 -19.23 19.72 12.18
C ILE B 39 -17.91 20.31 11.67
N LEU B 40 -18.00 21.15 10.64
CA LEU B 40 -16.77 21.69 10.05
C LEU B 40 -16.15 22.78 10.92
N ALA B 41 -16.95 23.47 11.72
CA ALA B 41 -16.40 24.40 12.69
C ALA B 41 -15.76 23.67 13.86
N GLY B 42 -16.42 22.61 14.34
CA GLY B 42 -15.87 21.85 15.46
C GLY B 42 -14.57 21.16 15.10
N LEU B 43 -14.52 20.55 13.92
CA LEU B 43 -13.30 19.88 13.49
C LEU B 43 -12.15 20.87 13.33
N PHE B 44 -12.45 22.08 12.86
CA PHE B 44 -11.42 23.09 12.66
C PHE B 44 -10.77 23.47 13.99
N SER B 45 -11.57 23.51 15.06
CA SER B 45 -11.04 23.90 16.36
C SER B 45 -10.03 22.88 16.90
N VAL B 46 -10.41 21.60 16.89
CA VAL B 46 -9.53 20.58 17.47
C VAL B 46 -8.22 20.49 16.67
N THR B 47 -8.30 20.61 15.35
CA THR B 47 -7.08 20.73 14.56
C THR B 47 -6.30 21.98 14.96
N GLY B 48 -6.99 23.09 15.16
CA GLY B 48 -6.32 24.31 15.57
C GLY B 48 -5.63 24.16 16.91
N VAL B 49 -6.31 23.58 17.88
CA VAL B 49 -5.71 23.39 19.20
C VAL B 49 -4.46 22.52 19.10
N LEU B 50 -4.53 21.48 18.26
CA LEU B 50 -3.42 20.55 18.13
C LEU B 50 -2.20 21.21 17.50
N VAL B 51 -2.42 21.98 16.43
CA VAL B 51 -1.29 22.57 15.70
C VAL B 51 -0.57 23.59 16.57
N VAL B 52 -1.33 24.37 17.35
CA VAL B 52 -0.71 25.40 18.18
C VAL B 52 0.02 24.77 19.36
N THR B 53 -0.57 23.74 19.97
CA THR B 53 0.08 23.11 21.12
C THR B 53 1.29 22.29 20.69
N THR B 54 1.25 21.72 19.48
CA THR B 54 2.45 21.10 18.93
C THR B 54 3.57 22.12 18.77
N TRP B 55 3.22 23.35 18.42
CA TRP B 55 4.22 24.41 18.36
C TRP B 55 4.80 24.69 19.74
N LEU B 56 3.94 24.73 20.76
CA LEU B 56 4.42 24.93 22.12
C LEU B 56 5.26 23.75 22.60
N LEU B 57 4.77 22.53 22.36
CA LEU B 57 5.48 21.36 22.85
C LEU B 57 6.82 21.19 22.14
N SER B 58 6.90 21.58 20.87
CA SER B 58 8.15 21.51 20.14
C SER B 58 9.20 22.45 20.72
N GLY B 59 8.81 23.68 21.08
CA GLY B 59 9.77 24.63 21.59
C GLY B 59 10.33 24.26 22.94
N ARG B 60 9.48 23.74 23.83
CA ARG B 60 9.87 23.49 25.21
C ARG B 60 10.62 22.18 25.36
N ALA B 61 10.01 21.09 24.88
CA ALA B 61 10.45 19.73 25.24
C ALA B 61 11.47 19.15 24.28
N ALA B 62 11.95 19.92 23.31
CA ALA B 62 12.96 19.40 22.39
C ALA B 62 14.34 19.39 23.04
N VAL B 63 15.13 18.37 22.70
CA VAL B 63 16.48 18.25 23.23
C VAL B 63 17.45 19.23 22.56
N VAL B 64 17.18 19.62 21.31
CA VAL B 64 18.00 20.60 20.60
C VAL B 64 17.08 21.61 19.95
N PRO B 65 17.60 22.81 19.61
CA PRO B 65 16.76 23.79 18.92
C PRO B 65 16.37 23.34 17.51
N LEU B 66 15.11 22.98 17.34
CA LEU B 66 14.62 22.57 16.03
C LEU B 66 14.45 23.79 15.13
N GLY B 67 14.65 23.57 13.83
CA GLY B 67 14.37 24.60 12.86
C GLY B 67 12.88 24.82 12.70
N THR B 68 12.52 25.96 12.12
CA THR B 68 11.10 26.32 12.01
C THR B 68 10.36 25.30 11.17
N TRP B 69 10.92 24.90 10.03
CA TRP B 69 10.25 23.92 9.17
C TRP B 69 10.20 22.56 9.83
N ARG B 70 11.12 22.28 10.76
CA ARG B 70 11.09 21.01 11.48
C ARG B 70 9.96 20.97 12.50
N ARG B 71 9.72 22.08 13.20
CA ARG B 71 8.60 22.13 14.14
C ARG B 71 7.27 22.03 13.40
N LEU B 72 7.16 22.70 12.25
CA LEU B 72 5.97 22.55 11.42
C LEU B 72 5.79 21.10 10.97
N SER B 73 6.90 20.41 10.69
CA SER B 73 6.82 19.01 10.30
C SER B 73 6.25 18.15 11.42
N LEU B 74 6.60 18.46 12.67
CA LEU B 74 6.00 17.74 13.78
C LEU B 74 4.52 18.08 13.93
N CYS B 75 4.12 19.29 13.56
CA CYS B 75 2.70 19.63 13.58
C CYS B 75 1.93 18.77 12.57
N TRP B 76 2.50 18.56 11.39
CA TRP B 76 1.85 17.74 10.39
C TRP B 76 1.68 16.30 10.90
N PHE B 77 2.71 15.76 11.54
CA PHE B 77 2.62 14.39 12.02
C PHE B 77 1.66 14.26 13.20
N ALA B 78 1.58 15.30 14.04
CA ALA B 78 0.61 15.28 15.13
C ALA B 78 -0.81 15.31 14.60
N VAL B 79 -1.05 16.11 13.55
CA VAL B 79 -2.38 16.17 12.95
C VAL B 79 -2.75 14.81 12.35
N CYS B 80 -1.84 14.22 11.58
CA CYS B 80 -2.12 12.93 10.96
C CYS B 80 -2.39 11.86 12.00
N GLY B 81 -1.64 11.86 13.10
CA GLY B 81 -1.86 10.87 14.14
C GLY B 81 -3.27 10.92 14.70
N PHE B 82 -3.78 12.12 14.94
CA PHE B 82 -5.14 12.27 15.44
C PHE B 82 -6.17 11.89 14.38
N ILE B 83 -5.96 12.31 13.14
CA ILE B 83 -6.93 12.05 12.09
C ILE B 83 -7.07 10.55 11.84
N HIS B 84 -5.94 9.85 11.75
CA HIS B 84 -5.99 8.41 11.52
C HIS B 84 -6.60 7.68 12.73
N LEU B 85 -6.14 8.02 13.94
CA LEU B 85 -6.55 7.27 15.12
C LEU B 85 -8.03 7.45 15.43
N VAL B 86 -8.53 8.69 15.37
CA VAL B 86 -9.85 9.00 15.89
C VAL B 86 -10.88 9.06 14.77
N ILE B 87 -10.63 9.89 13.77
CA ILE B 87 -11.62 10.06 12.70
C ILE B 87 -11.74 8.78 11.88
N GLU B 88 -10.62 8.27 11.37
CA GLU B 88 -10.67 7.07 10.55
C GLU B 88 -10.85 5.81 11.38
N GLY B 89 -10.43 5.84 12.65
CA GLY B 89 -10.73 4.72 13.53
C GLY B 89 -12.22 4.53 13.71
N TRP B 90 -12.96 5.62 13.81
CA TRP B 90 -14.41 5.55 13.96
C TRP B 90 -15.06 4.84 12.79
N PHE B 91 -14.61 5.14 11.57
CA PHE B 91 -15.16 4.46 10.40
C PHE B 91 -14.93 2.96 10.46
N VAL B 92 -13.70 2.55 10.79
CA VAL B 92 -13.36 1.13 10.76
C VAL B 92 -14.21 0.35 11.75
N LEU B 93 -14.63 1.00 12.84
CA LEU B 93 -15.45 0.32 13.84
C LEU B 93 -16.91 0.29 13.43
N TYR B 94 -17.44 1.39 12.93
CA TYR B 94 -18.88 1.60 12.83
C TYR B 94 -19.38 1.81 11.40
N TYR B 95 -18.63 1.37 10.39
CA TYR B 95 -19.14 1.49 9.02
C TYR B 95 -20.38 0.64 8.78
N GLU B 96 -20.58 -0.40 9.59
CA GLU B 96 -21.78 -1.23 9.43
C GLU B 96 -23.06 -0.44 9.70
N ASP B 97 -23.04 0.49 10.66
CA ASP B 97 -24.22 1.24 11.05
C ASP B 97 -23.97 2.74 10.97
N LEU B 98 -23.23 3.18 9.96
CA LEU B 98 -22.92 4.60 9.82
C LEU B 98 -24.12 5.38 9.32
N LEU B 99 -24.93 4.80 8.44
CA LEU B 99 -26.13 5.46 7.97
C LEU B 99 -27.20 5.48 9.06
N GLY B 100 -27.82 6.64 9.26
CA GLY B 100 -28.87 6.76 10.24
C GLY B 100 -28.41 6.91 11.67
N ASP B 101 -27.14 7.24 11.90
CA ASP B 101 -26.57 7.35 13.23
C ASP B 101 -26.38 8.83 13.58
N GLN B 102 -26.75 9.20 14.81
CA GLN B 102 -26.67 10.57 15.29
C GLN B 102 -25.47 10.71 16.21
N ALA B 103 -24.32 11.01 15.62
CA ALA B 103 -23.10 11.26 16.38
C ALA B 103 -22.23 12.20 15.57
N PHE B 104 -21.29 12.85 16.24
CA PHE B 104 -20.47 13.86 15.58
C PHE B 104 -19.65 13.23 14.45
N LEU B 105 -18.92 12.17 14.75
CA LEU B 105 -18.07 11.55 13.73
C LEU B 105 -18.91 10.85 12.67
N SER B 106 -20.07 10.32 13.06
CA SER B 106 -20.97 9.71 12.08
C SER B 106 -21.47 10.74 11.08
N GLN B 107 -21.80 11.95 11.55
CA GLN B 107 -22.29 12.99 10.66
C GLN B 107 -21.16 13.61 9.85
N LEU B 108 -19.93 13.53 10.34
CA LEU B 108 -18.77 13.94 9.53
C LEU B 108 -18.64 13.03 8.31
N TRP B 109 -18.77 11.72 8.52
CA TRP B 109 -18.59 10.77 7.41
C TRP B 109 -19.77 10.81 6.46
N LYS B 110 -20.98 10.99 6.97
CA LYS B 110 -22.13 11.17 6.08
C LYS B 110 -21.94 12.39 5.19
N GLU B 111 -21.35 13.44 5.73
CA GLU B 111 -21.07 14.62 4.92
C GLU B 111 -19.92 14.37 3.95
N TYR B 112 -18.85 13.75 4.43
CA TYR B 112 -17.69 13.51 3.56
C TYR B 112 -18.03 12.52 2.45
N ALA B 113 -18.83 11.50 2.75
CA ALA B 113 -19.14 10.45 1.81
C ALA B 113 -19.98 10.92 0.63
N LYS B 114 -20.34 12.20 0.59
CA LYS B 114 -20.99 12.75 -0.59
C LYS B 114 -20.01 12.96 -1.74
N GLY B 115 -18.71 12.98 -1.46
CA GLY B 115 -17.70 13.03 -2.50
C GLY B 115 -17.24 11.64 -2.90
N ASP B 116 -17.56 10.63 -2.09
CA ASP B 116 -17.26 9.25 -2.42
C ASP B 116 -18.22 8.38 -1.60
N SER B 117 -19.22 7.81 -2.27
CA SER B 117 -20.23 7.02 -1.59
C SER B 117 -19.71 5.67 -1.09
N ARG B 118 -18.47 5.30 -1.44
CA ARG B 118 -17.92 4.03 -0.95
C ARG B 118 -17.83 4.00 0.57
N TYR B 119 -17.82 5.16 1.23
CA TYR B 119 -17.68 5.18 2.68
C TYR B 119 -18.97 4.87 3.41
N ILE B 120 -20.11 4.97 2.75
CA ILE B 120 -21.38 4.53 3.33
C ILE B 120 -21.70 3.08 2.94
N LEU B 121 -21.24 2.64 1.78
CA LEU B 121 -21.51 1.30 1.30
C LEU B 121 -20.63 0.24 1.96
N GLY B 122 -19.65 0.64 2.76
CA GLY B 122 -18.75 -0.33 3.35
C GLY B 122 -17.93 -1.07 2.33
N ASP B 123 -17.33 -0.36 1.39
CA ASP B 123 -16.59 -1.00 0.30
C ASP B 123 -15.46 -1.85 0.86
N ASN B 124 -15.23 -3.00 0.21
CA ASN B 124 -14.25 -3.96 0.71
C ASN B 124 -12.85 -3.35 0.73
N PHE B 125 -12.45 -2.68 -0.35
CA PHE B 125 -11.13 -2.06 -0.37
C PHE B 125 -11.03 -0.93 0.65
N THR B 126 -12.05 -0.07 0.72
CA THR B 126 -11.99 1.09 1.60
C THR B 126 -11.87 0.69 3.05
N VAL B 127 -12.64 -0.32 3.47
CA VAL B 127 -12.60 -0.74 4.87
C VAL B 127 -11.22 -1.31 5.21
N CYS B 128 -10.66 -2.12 4.31
CA CYS B 128 -9.36 -2.74 4.58
C CYS B 128 -8.25 -1.70 4.55
N MET B 129 -8.30 -0.77 3.60
CA MET B 129 -7.28 0.28 3.56
C MET B 129 -7.34 1.14 4.82
N GLU B 130 -8.54 1.51 5.25
CA GLU B 130 -8.68 2.34 6.44
C GLU B 130 -8.22 1.62 7.70
N THR B 131 -8.35 0.29 7.73
CA THR B 131 -7.92 -0.46 8.90
C THR B 131 -6.41 -0.34 9.09
N ILE B 132 -5.64 -0.43 8.01
CA ILE B 132 -4.19 -0.28 8.11
C ILE B 132 -3.82 1.14 8.49
N THR B 133 -4.49 2.13 7.89
CA THR B 133 -4.17 3.52 8.18
C THR B 133 -4.43 3.86 9.64
N ALA B 134 -5.54 3.39 10.19
CA ALA B 134 -5.87 3.69 11.57
C ALA B 134 -4.96 2.93 12.54
N CYS B 135 -4.59 1.70 12.20
CA CYS B 135 -3.85 0.85 13.13
C CYS B 135 -2.35 1.14 13.09
N LEU B 136 -1.77 1.29 11.90
CA LEU B 136 -0.32 1.50 11.79
C LEU B 136 0.03 2.98 11.77
N TRP B 137 -0.42 3.71 10.77
CA TRP B 137 0.08 5.06 10.55
C TRP B 137 -0.45 6.05 11.58
N GLY B 138 -1.39 5.64 12.42
CA GLY B 138 -1.80 6.45 13.54
C GLY B 138 -0.76 6.44 14.65
N PRO B 139 -0.51 5.27 15.23
CA PRO B 139 0.54 5.18 16.25
C PRO B 139 1.92 5.56 15.77
N LEU B 140 2.28 5.22 14.52
CA LEU B 140 3.62 5.55 14.04
C LEU B 140 3.80 7.04 13.84
N SER B 141 2.72 7.76 13.52
CA SER B 141 2.82 9.21 13.40
C SER B 141 3.17 9.87 14.72
N LEU B 142 2.69 9.30 15.83
CA LEU B 142 3.05 9.84 17.14
C LEU B 142 4.50 9.50 17.48
N TRP B 143 4.99 8.35 17.03
CA TRP B 143 6.37 7.98 17.32
C TRP B 143 7.35 8.84 16.54
N VAL B 144 6.95 9.35 15.36
CA VAL B 144 7.79 10.29 14.64
C VAL B 144 7.92 11.58 15.44
N VAL B 145 6.83 12.05 16.02
CA VAL B 145 6.87 13.30 16.78
C VAL B 145 7.74 13.15 18.01
N ILE B 146 7.58 12.04 18.74
CA ILE B 146 8.38 11.81 19.93
C ILE B 146 9.86 11.68 19.56
N ALA B 147 10.13 10.98 18.47
CA ALA B 147 11.52 10.69 18.10
C ALA B 147 12.30 11.96 17.80
N PHE B 148 11.69 12.90 17.08
CA PHE B 148 12.39 14.12 16.69
C PHE B 148 12.69 15.01 17.89
N LEU B 149 11.80 15.05 18.88
CA LEU B 149 12.07 15.87 20.06
C LEU B 149 13.30 15.35 20.80
N ARG B 150 13.43 14.03 20.91
CA ARG B 150 14.54 13.40 21.63
C ARG B 150 15.75 13.12 20.75
N GLN B 151 15.67 13.40 19.45
CA GLN B 151 16.75 13.15 18.51
C GLN B 151 17.17 11.68 18.54
N HIS B 152 16.18 10.80 18.45
CA HIS B 152 16.47 9.38 18.39
C HIS B 152 16.93 9.00 16.99
N PRO B 153 17.83 8.01 16.85
CA PRO B 153 18.34 7.67 15.51
C PRO B 153 17.28 7.15 14.54
N LEU B 154 16.14 6.69 15.03
CA LEU B 154 15.09 6.20 14.16
C LEU B 154 14.25 7.31 13.53
N ARG B 155 14.50 8.57 13.89
CA ARG B 155 13.53 9.63 13.60
C ARG B 155 13.33 9.83 12.10
N PHE B 156 14.41 9.84 11.32
CA PHE B 156 14.26 9.98 9.88
C PHE B 156 13.79 8.69 9.21
N ILE B 157 14.10 7.55 9.81
CA ILE B 157 13.65 6.27 9.24
C ILE B 157 12.15 6.13 9.40
N LEU B 158 11.61 6.54 10.56
CA LEU B 158 10.16 6.51 10.76
C LEU B 158 9.45 7.51 9.84
N GLN B 159 10.04 8.68 9.65
CA GLN B 159 9.45 9.66 8.73
C GLN B 159 9.33 9.08 7.33
N LEU B 160 10.27 8.25 6.93
CA LEU B 160 10.19 7.61 5.61
C LEU B 160 9.15 6.51 5.58
N VAL B 161 9.08 5.68 6.63
CA VAL B 161 8.19 4.53 6.61
C VAL B 161 6.74 4.97 6.62
N VAL B 162 6.41 6.01 7.40
CA VAL B 162 5.03 6.50 7.46
C VAL B 162 4.66 7.18 6.14
N SER B 163 5.53 8.04 5.62
CA SER B 163 5.20 8.80 4.42
C SER B 163 5.07 7.90 3.20
N VAL B 164 5.94 6.89 3.08
CA VAL B 164 5.80 5.93 2.00
C VAL B 164 4.50 5.14 2.16
N GLY B 165 4.18 4.76 3.39
CA GLY B 165 2.94 4.04 3.62
C GLY B 165 1.70 4.83 3.29
N GLN B 166 1.73 6.15 3.52
CA GLN B 166 0.57 6.99 3.23
C GLN B 166 0.41 7.21 1.73
N ILE B 167 1.52 7.42 1.02
CA ILE B 167 1.44 7.67 -0.42
C ILE B 167 0.93 6.44 -1.15
N TYR B 168 1.35 5.26 -0.73
CA TYR B 168 0.90 4.04 -1.39
C TYR B 168 -0.60 3.85 -1.22
N GLY B 169 -1.10 4.08 -0.01
CA GLY B 169 -2.54 3.99 0.20
C GLY B 169 -3.31 5.03 -0.57
N ASP B 170 -2.74 6.22 -0.72
CA ASP B 170 -3.46 7.31 -1.39
C ASP B 170 -3.48 7.11 -2.90
N VAL B 171 -2.41 6.55 -3.47
CA VAL B 171 -2.39 6.25 -4.90
C VAL B 171 -3.41 5.17 -5.23
N LEU B 172 -3.48 4.13 -4.39
CA LEU B 172 -4.49 3.09 -4.60
C LEU B 172 -5.89 3.66 -4.49
N TYR B 173 -6.09 4.64 -3.62
CA TYR B 173 -7.41 5.24 -3.46
C TYR B 173 -7.86 5.91 -4.76
N PHE B 174 -6.95 6.65 -5.40
CA PHE B 174 -7.33 7.41 -6.59
C PHE B 174 -7.47 6.51 -7.81
N LEU B 175 -6.60 5.52 -7.96
CA LEU B 175 -6.68 4.63 -9.11
C LEU B 175 -7.95 3.78 -9.07
N THR B 176 -8.26 3.19 -7.92
CA THR B 176 -9.43 2.33 -7.84
C THR B 176 -10.71 3.09 -8.16
N GLU B 177 -10.77 4.37 -7.82
CA GLU B 177 -11.92 5.18 -8.20
C GLU B 177 -11.92 5.48 -9.69
N HIS B 178 -10.74 5.78 -10.25
CA HIS B 178 -10.66 6.04 -11.68
C HIS B 178 -11.06 4.81 -12.49
N ARG B 179 -10.71 3.63 -11.99
CA ARG B 179 -11.06 2.40 -12.71
C ARG B 179 -12.57 2.23 -12.79
N ASP B 180 -13.27 2.50 -11.68
CA ASP B 180 -14.73 2.46 -11.70
C ASP B 180 -15.35 3.56 -12.55
N GLY B 181 -14.59 4.61 -12.86
CA GLY B 181 -15.13 5.70 -13.65
C GLY B 181 -15.80 6.79 -12.84
N PHE B 182 -15.38 6.99 -11.59
CA PHE B 182 -15.89 8.07 -10.74
C PHE B 182 -17.40 8.01 -10.57
N GLN B 183 -17.96 6.80 -10.46
CA GLN B 183 -19.42 6.68 -10.33
C GLN B 183 -19.91 7.05 -8.94
N HIS B 184 -19.04 7.05 -7.94
CA HIS B 184 -19.43 7.30 -6.56
C HIS B 184 -19.46 8.79 -6.19
N GLY B 185 -19.57 9.68 -7.15
CA GLY B 185 -19.64 11.10 -6.87
C GLY B 185 -19.66 11.94 -8.13
N GLU B 186 -20.51 12.96 -8.17
CA GLU B 186 -20.69 13.75 -9.38
C GLU B 186 -19.40 14.43 -9.79
N LEU B 187 -19.02 14.28 -11.06
CA LEU B 187 -17.78 14.84 -11.56
C LEU B 187 -17.85 16.37 -11.60
N GLY B 188 -16.69 16.99 -11.41
CA GLY B 188 -16.56 18.41 -11.65
C GLY B 188 -17.35 19.28 -10.70
N HIS B 189 -17.91 18.72 -9.64
CA HIS B 189 -18.63 19.52 -8.67
C HIS B 189 -17.64 20.34 -7.86
N PRO B 190 -17.93 21.60 -7.52
CA PRO B 190 -16.94 22.37 -6.75
C PRO B 190 -16.66 21.80 -5.36
N LEU B 191 -17.70 21.57 -4.55
CA LEU B 191 -17.47 21.18 -3.18
C LEU B 191 -17.18 19.68 -3.05
N TYR B 192 -18.09 18.84 -3.53
CA TYR B 192 -18.01 17.41 -3.27
C TYR B 192 -16.89 16.73 -4.05
N PHE B 193 -16.60 17.19 -5.27
CA PHE B 193 -15.53 16.56 -6.05
C PHE B 193 -14.19 17.25 -5.82
N TRP B 194 -14.08 18.53 -6.17
CA TRP B 194 -12.75 19.14 -6.23
C TRP B 194 -12.20 19.43 -4.85
N PHE B 195 -13.06 19.63 -3.85
CA PHE B 195 -12.57 19.87 -2.50
C PHE B 195 -12.48 18.57 -1.71
N TYR B 196 -13.58 17.83 -1.57
CA TYR B 196 -13.58 16.65 -0.72
C TYR B 196 -12.73 15.53 -1.33
N PHE B 197 -12.86 15.31 -2.64
CA PHE B 197 -12.21 14.15 -3.25
C PHE B 197 -10.80 14.49 -3.73
N VAL B 198 -10.64 15.59 -4.45
CA VAL B 198 -9.34 15.90 -5.05
C VAL B 198 -8.40 16.52 -4.03
N PHE B 199 -8.84 17.58 -3.36
CA PHE B 199 -7.91 18.37 -2.56
C PHE B 199 -7.43 17.62 -1.33
N MET B 200 -8.34 17.37 -0.38
CA MET B 200 -7.90 16.84 0.91
C MET B 200 -7.35 15.42 0.82
N ASN B 201 -7.64 14.68 -0.24
CA ASN B 201 -6.92 13.44 -0.46
C ASN B 201 -5.54 13.69 -1.07
N ALA B 202 -5.42 14.74 -1.88
CA ALA B 202 -4.13 15.08 -2.47
C ALA B 202 -3.15 15.65 -1.45
N LEU B 203 -3.62 16.06 -0.27
CA LEU B 203 -2.71 16.50 0.78
C LEU B 203 -1.78 15.37 1.20
N TRP B 204 -2.33 14.16 1.34
CA TRP B 204 -1.52 13.00 1.67
C TRP B 204 -0.79 12.43 0.48
N LEU B 205 -0.79 13.12 -0.67
CA LEU B 205 -0.04 12.73 -1.85
C LEU B 205 1.14 13.66 -2.10
N VAL B 206 0.94 14.97 -1.97
CA VAL B 206 2.00 15.92 -2.28
C VAL B 206 2.94 16.08 -1.10
N LEU B 207 2.41 16.46 0.31
CA LEU B 207 3.31 16.75 1.43
C LEU B 207 4.14 15.55 1.85
N PRO B 208 3.43 14.56 1.87
CA PRO B 208 4.24 13.38 2.21
C PRO B 208 5.35 13.11 1.21
N GLY B 209 5.12 13.39 -0.07
CA GLY B 209 6.18 13.27 -1.04
C GLY B 209 7.35 14.21 -0.77
N VAL B 210 7.06 15.39 -0.23
CA VAL B 210 8.12 16.32 0.15
C VAL B 210 8.88 15.78 1.35
N LEU B 211 8.20 15.10 2.26
CA LEU B 211 8.85 14.53 3.43
C LEU B 211 9.67 13.29 3.09
N VAL B 212 9.31 12.57 2.03
CA VAL B 212 10.14 11.46 1.58
C VAL B 212 11.48 11.99 1.09
N LEU B 213 11.45 13.05 0.28
CA LEU B 213 12.69 13.63 -0.23
C LEU B 213 13.57 14.14 0.90
N ASP B 214 12.96 14.65 1.97
CA ASP B 214 13.74 15.14 3.10
C ASP B 214 14.43 13.99 3.83
N ALA B 215 13.68 12.93 4.14
CA ALA B 215 14.25 11.81 4.88
C ALA B 215 15.35 11.13 4.08
N VAL B 216 15.18 11.04 2.76
CA VAL B 216 16.22 10.46 1.92
C VAL B 216 17.50 11.29 1.98
N LYS B 217 17.36 12.61 1.98
CA LYS B 217 18.53 13.47 1.96
C LYS B 217 19.37 13.30 3.21
N HIS B 218 18.72 13.23 4.37
CA HIS B 218 19.47 13.12 5.63
C HIS B 218 20.05 11.73 5.82
N LEU B 219 19.33 10.70 5.34
CA LEU B 219 19.84 9.33 5.47
C LEU B 219 20.95 9.05 4.47
N THR B 220 20.85 9.61 3.26
CA THR B 220 21.93 9.46 2.30
C THR B 220 23.22 10.05 2.83
N HIS B 221 23.13 11.21 3.51
CA HIS B 221 24.30 11.79 4.13
C HIS B 221 24.78 10.94 5.31
N ALA B 222 23.84 10.34 6.04
CA ALA B 222 24.22 9.49 7.16
C ALA B 222 25.01 8.27 6.69
N GLN B 223 24.60 7.67 5.58
CA GLN B 223 25.32 6.51 5.05
C GLN B 223 26.66 6.92 4.47
N SER B 224 26.74 8.12 3.89
CA SER B 224 28.00 8.57 3.29
C SER B 224 29.06 8.86 4.35
N THR B 225 28.65 9.33 5.53
CA THR B 225 29.64 9.62 6.58
C THR B 225 30.17 8.35 7.21
N LEU B 226 29.35 7.29 7.25
CA LEU B 226 29.79 6.02 7.82
C LEU B 226 30.86 5.34 6.97
N ASP B 227 31.04 5.77 5.73
CA ASP B 227 32.08 5.20 4.87
C ASP B 227 33.41 5.90 5.09
#